data_3E16
#
_entry.id   3E16
#
_cell.length_a   53.253
_cell.length_b   55.009
_cell.length_c   82.799
_cell.angle_alpha   90.00
_cell.angle_beta   90.00
_cell.angle_gamma   90.00
#
_symmetry.space_group_name_H-M   'P 21 21 21'
#
loop_
_entity.id
_entity.type
_entity.pdbx_description
1 polymer Prostasin
2 non-polymer GLYCEROL
3 non-polymer 'benzyl [(1S)-5-amino-1-{[(1S)-1-({(1S)-5-amino-1-[(S)-1,3-benzoxazol-2-yl(hydroxy)methyl]pentyl}carbamoyl)-3-phenylpropyl]carbamoyl}pentyl]carbamate'
4 non-polymer 'DIMETHYL SULFOXIDE'
5 water water
#
_entity_poly.entity_id   1
_entity_poly.type   'polypeptide(L)'
_entity_poly.pdbx_seq_one_letter_code
;ITGGSSAVAGQWPWQVSITYEGVHVCGGSLVSEQWVLSAAHCFPSEHHKEAYEVKLGAHQLDSYSEDAKVSTLKDIIPHP
SYLQEGSQGDIALLQLSRPITFSRYIRPISLPAAQASFPNGLHCTVTGWGHVAPSVSLLTPKPLQQLEVPLISRETCNSL
YNIDAKPEEPHFVQEDMVCAGYVEGGKDACQGDSGGPLSCPVEGLWYLTGIVSWGDACGARNRPGVYTLASSYASWIQSK
VTELQPRVVPQTQESQPDSNLHHHHHHHHHH
;
_entity_poly.pdbx_strand_id   B
#
# COMPACT_ATOMS: atom_id res chain seq x y z
N ILE A 1 -6.25 4.31 -8.17
CA ILE A 1 -6.67 3.02 -8.82
C ILE A 1 -7.39 3.32 -10.11
N THR A 2 -6.87 2.78 -11.22
CA THR A 2 -7.49 2.92 -12.52
C THR A 2 -8.17 1.62 -12.87
N GLY A 3 -9.36 1.76 -13.45
CA GLY A 3 -10.14 0.64 -13.92
C GLY A 3 -10.80 -0.15 -12.81
N GLY A 4 -10.88 0.43 -11.62
CA GLY A 4 -11.54 -0.25 -10.50
C GLY A 4 -12.98 0.22 -10.30
N SER A 5 -13.43 0.07 -9.08
CA SER A 5 -14.76 0.51 -8.69
C SER A 5 -14.66 1.09 -7.30
N SER A 6 -15.68 1.85 -6.90
CA SER A 6 -15.79 2.32 -5.55
C SER A 6 -16.10 1.15 -4.63
N ALA A 7 -15.30 1.02 -3.58
CA ALA A 7 -15.63 0.13 -2.51
C ALA A 7 -16.88 0.66 -1.77
N VAL A 8 -17.41 -0.16 -0.88
CA VAL A 8 -18.42 0.26 0.05
C VAL A 8 -17.73 0.58 1.39
N ALA A 9 -18.25 1.58 2.07
CA ALA A 9 -17.73 1.96 3.37
C ALA A 9 -17.56 0.72 4.29
N GLY A 10 -16.38 0.61 4.88
CA GLY A 10 -16.08 -0.45 5.80
C GLY A 10 -15.59 -1.74 5.18
N GLN A 11 -15.49 -1.80 3.87
CA GLN A 11 -15.13 -3.04 3.22
C GLN A 11 -13.66 -3.36 3.41
N TRP A 12 -12.84 -2.32 3.49
CA TRP A 12 -11.37 -2.43 3.60
C TRP A 12 -10.93 -1.60 4.78
N PRO A 13 -11.30 -2.07 5.99
CA PRO A 13 -11.19 -1.24 7.20
C PRO A 13 -9.77 -1.03 7.69
N TRP A 14 -8.81 -1.73 7.09
CA TRP A 14 -7.40 -1.50 7.33
C TRP A 14 -6.82 -0.39 6.43
N GLN A 15 -7.56 0.01 5.41
CA GLN A 15 -7.01 1.02 4.51
C GLN A 15 -6.94 2.35 5.25
N VAL A 16 -5.77 2.98 5.18
CA VAL A 16 -5.60 4.32 5.71
C VAL A 16 -5.10 5.25 4.62
N SER A 17 -5.33 6.54 4.84
CA SER A 17 -4.81 7.59 3.97
C SER A 17 -3.68 8.29 4.73
N ILE A 18 -2.56 8.51 4.05
CA ILE A 18 -1.44 9.20 4.62
C ILE A 18 -1.34 10.54 3.91
N THR A 19 -1.32 11.60 4.70
CA THR A 19 -1.19 12.90 4.14
C THR A 19 0.08 13.58 4.59
N TYR A 20 0.54 14.48 3.75
CA TYR A 20 1.68 15.30 4.06
C TYR A 20 1.24 16.74 3.81
N GLU A 21 1.37 17.57 4.83
CA GLU A 21 0.86 18.97 4.78
C GLU A 21 -0.58 19.02 4.25
N GLY A 22 -1.36 18.07 4.75
CA GLY A 22 -2.78 18.03 4.54
C GLY A 22 -3.24 17.45 3.22
N VAL A 23 -2.29 16.98 2.40
CA VAL A 23 -2.65 16.41 1.10
C VAL A 23 -2.32 14.94 1.09
N HIS A 24 -3.31 14.15 0.70
CA HIS A 24 -3.12 12.72 0.53
C HIS A 24 -1.94 12.46 -0.37
N VAL A 25 -0.95 11.73 0.12
CA VAL A 25 0.20 11.32 -0.71
C VAL A 25 0.29 9.80 -0.92
N CYS A 26 -0.21 9.04 0.04
CA CYS A 26 0.00 7.57 0.03
C CYS A 26 -1.06 6.84 0.85
N GLY A 27 -1.18 5.55 0.61
CA GLY A 27 -1.95 4.69 1.43
C GLY A 27 -1.12 4.05 2.49
N GLY A 28 -1.81 3.29 3.32
CA GLY A 28 -1.18 2.46 4.31
C GLY A 28 -2.18 1.41 4.74
N SER A 29 -1.69 0.48 5.55
CA SER A 29 -2.56 -0.57 6.12
C SER A 29 -2.39 -0.61 7.65
N LEU A 30 -3.48 -0.49 8.36
CA LEU A 30 -3.46 -0.64 9.79
C LEU A 30 -3.17 -2.08 10.12
N VAL A 31 -2.24 -2.31 11.03
CA VAL A 31 -1.86 -3.69 11.40
C VAL A 31 -1.96 -3.98 12.89
N SER A 32 -2.06 -2.93 13.70
N SER A 32 -2.00 -2.93 13.70
CA SER A 32 -2.45 -3.11 15.11
CA SER A 32 -2.29 -3.05 15.14
C SER A 32 -3.08 -1.81 15.56
C SER A 32 -2.81 -1.69 15.61
N GLU A 33 -3.24 -1.62 16.88
CA GLU A 33 -3.90 -0.41 17.38
C GLU A 33 -3.05 0.84 17.19
N GLN A 34 -1.75 0.68 17.13
CA GLN A 34 -0.83 1.83 17.01
C GLN A 34 0.17 1.72 15.88
N TRP A 35 0.02 0.75 14.98
CA TRP A 35 1.01 0.58 13.90
C TRP A 35 0.35 0.46 12.56
N VAL A 36 0.98 1.11 11.59
CA VAL A 36 0.54 1.11 10.21
C VAL A 36 1.73 0.71 9.36
N LEU A 37 1.48 -0.07 8.32
CA LEU A 37 2.53 -0.39 7.37
C LEU A 37 2.23 0.39 6.10
N SER A 38 3.26 1.00 5.55
CA SER A 38 3.19 1.72 4.29
C SER A 38 4.51 1.49 3.53
N ALA A 39 4.76 2.30 2.53
CA ALA A 39 5.96 2.23 1.70
C ALA A 39 6.97 3.19 2.20
N ALA A 40 8.22 2.72 2.33
CA ALA A 40 9.31 3.59 2.70
C ALA A 40 9.42 4.82 1.84
N HIS A 41 9.14 4.70 0.54
CA HIS A 41 9.34 5.81 -0.40
C HIS A 41 8.34 6.95 -0.21
N CYS A 42 7.26 6.68 0.52
CA CYS A 42 6.32 7.70 0.94
C CYS A 42 6.87 8.67 1.97
N PHE A 43 8.03 8.34 2.56
CA PHE A 43 8.61 9.09 3.69
C PHE A 43 10.01 9.54 3.40
N PRO A 44 10.13 10.48 2.48
CA PRO A 44 11.50 10.89 2.17
C PRO A 44 12.14 11.67 3.33
N SER A 45 13.46 11.64 3.36
CA SER A 45 14.23 12.27 4.43
C SER A 45 13.93 13.76 4.57
N GLU A 46 13.64 14.43 3.47
CA GLU A 46 13.43 15.87 3.55
C GLU A 46 12.10 16.28 4.19
N HIS A 47 11.15 15.35 4.25
CA HIS A 47 9.88 15.62 4.90
C HIS A 47 9.98 15.57 6.40
N HIS A 48 9.21 16.41 7.09
CA HIS A 48 9.18 16.50 8.55
CA HIS A 48 9.28 16.33 8.55
C HIS A 48 8.08 15.61 9.14
N LYS A 49 8.39 14.81 10.15
CA LYS A 49 7.44 13.87 10.70
C LYS A 49 6.13 14.51 11.14
N GLU A 50 6.26 15.71 11.70
CA GLU A 50 5.12 16.45 12.25
CA GLU A 50 5.10 16.46 12.24
C GLU A 50 4.09 16.89 11.20
N ALA A 51 4.45 16.84 9.94
CA ALA A 51 3.54 17.28 8.87
C ALA A 51 2.69 16.16 8.29
N TYR A 52 2.89 14.94 8.78
CA TYR A 52 2.15 13.80 8.31
C TYR A 52 0.91 13.61 9.16
N GLU A 53 -0.13 13.09 8.53
CA GLU A 53 -1.28 12.57 9.24
C GLU A 53 -1.71 11.26 8.61
N VAL A 54 -2.40 10.48 9.43
CA VAL A 54 -3.02 9.25 8.99
C VAL A 54 -4.49 9.34 9.28
N LYS A 55 -5.30 9.07 8.26
CA LYS A 55 -6.73 9.10 8.42
C LYS A 55 -7.23 7.68 8.30
N LEU A 56 -7.89 7.25 9.35
CA LEU A 56 -8.40 5.89 9.44
C LEU A 56 -9.91 5.88 9.43
N GLY A 57 -10.50 4.77 9.02
CA GLY A 57 -11.95 4.64 9.04
C GLY A 57 -12.69 5.46 7.99
N ALA A 58 -11.96 5.87 6.96
CA ALA A 58 -12.53 6.71 5.94
C ALA A 58 -12.95 5.90 4.72
N HIS A 59 -13.98 6.41 4.09
CA HIS A 59 -14.42 5.86 2.83
C HIS A 59 -14.27 6.93 1.78
N GLN A 60 -15.03 8.02 1.90
CA GLN A 60 -14.88 9.19 1.04
C GLN A 60 -13.99 10.18 1.75
N LEU A 61 -12.79 10.37 1.20
CA LEU A 61 -11.79 11.23 1.89
C LEU A 61 -12.25 12.65 2.11
N ASP A 62 -13.08 13.16 1.21
CA ASP A 62 -13.56 14.55 1.25
C ASP A 62 -14.81 14.73 2.10
N SER A 63 -15.45 13.64 2.46
CA SER A 63 -16.70 13.69 3.20
C SER A 63 -16.46 13.63 4.70
N TYR A 64 -17.33 14.31 5.43
CA TYR A 64 -17.26 14.25 6.86
C TYR A 64 -17.75 12.89 7.28
N SER A 65 -17.08 12.32 8.27
CA SER A 65 -17.52 11.07 8.83
C SER A 65 -17.20 11.06 10.29
N GLU A 66 -18.17 10.71 11.13
CA GLU A 66 -17.88 10.53 12.54
C GLU A 66 -17.18 9.20 12.83
N ASP A 67 -17.00 8.36 11.81
CA ASP A 67 -16.32 7.06 11.97
C ASP A 67 -14.83 7.22 11.66
N ALA A 68 -14.47 8.24 10.90
CA ALA A 68 -13.05 8.43 10.56
C ALA A 68 -12.32 9.07 11.74
N LYS A 69 -11.04 8.78 11.84
CA LYS A 69 -10.20 9.28 12.92
C LYS A 69 -8.92 9.72 12.23
N VAL A 70 -8.32 10.80 12.71
CA VAL A 70 -7.04 11.27 12.20
C VAL A 70 -6.00 11.28 13.29
N SER A 71 -4.81 10.81 12.92
CA SER A 71 -3.66 10.68 13.83
C SER A 71 -2.39 11.29 13.24
N THR A 72 -1.51 11.77 14.12
CA THR A 72 -0.15 12.08 13.74
C THR A 72 0.69 10.85 13.97
N LEU A 73 1.98 10.95 13.66
CA LEU A 73 2.93 9.88 13.82
C LEU A 73 3.97 10.17 14.92
N LYS A 74 4.22 9.16 15.73
CA LYS A 74 5.30 9.15 16.72
C LYS A 74 6.62 8.64 16.12
N ASP A 75 6.51 7.68 15.20
CA ASP A 75 7.70 7.10 14.61
C ASP A 75 7.44 6.74 13.16
N ILE A 76 8.47 6.92 12.35
CA ILE A 76 8.47 6.47 10.97
C ILE A 76 9.69 5.60 10.84
N ILE A 77 9.50 4.30 10.59
CA ILE A 77 10.60 3.35 10.56
C ILE A 77 10.68 2.66 9.20
N PRO A 78 11.44 3.25 8.29
CA PRO A 78 11.60 2.58 7.01
C PRO A 78 12.52 1.40 7.20
N HIS A 79 12.41 0.40 6.36
CA HIS A 79 13.31 -0.74 6.50
C HIS A 79 14.71 -0.24 6.14
N PRO A 80 15.73 -0.67 6.91
CA PRO A 80 17.10 -0.15 6.70
C PRO A 80 17.71 -0.47 5.33
N SER A 81 17.21 -1.51 4.65
CA SER A 81 17.71 -1.84 3.32
C SER A 81 17.22 -0.91 2.19
N TYR A 82 16.21 -0.08 2.43
CA TYR A 82 15.70 0.78 1.38
C TYR A 82 16.66 1.94 1.17
N LEU A 83 17.36 1.97 0.05
CA LEU A 83 18.40 2.96 -0.21
C LEU A 83 17.97 4.03 -1.19
N GLN A 84 17.19 3.63 -2.18
CA GLN A 84 16.72 4.52 -3.22
C GLN A 84 15.56 3.86 -3.95
N GLU A 85 14.96 4.58 -4.89
CA GLU A 85 13.83 4.05 -5.62
C GLU A 85 14.21 2.80 -6.39
N GLY A 86 13.50 1.69 -6.18
CA GLY A 86 13.73 0.45 -6.90
C GLY A 86 14.50 -0.52 -6.03
N SER A 87 15.11 0.02 -4.97
CA SER A 87 15.74 -0.78 -3.94
C SER A 87 14.78 -1.79 -3.38
N GLN A 88 15.29 -2.92 -2.92
CA GLN A 88 14.54 -3.73 -2.00
C GLN A 88 14.24 -2.94 -0.72
N GLY A 89 13.20 -3.37 -0.01
CA GLY A 89 12.86 -2.81 1.30
C GLY A 89 11.92 -1.62 1.30
N ASP A 90 11.12 -1.48 0.25
CA ASP A 90 10.20 -0.34 0.17
C ASP A 90 9.01 -0.60 1.05
N ILE A 91 9.23 -0.46 2.35
CA ILE A 91 8.28 -0.77 3.40
C ILE A 91 8.66 0.05 4.62
N ALA A 92 7.65 0.53 5.35
CA ALA A 92 7.88 1.33 6.56
C ALA A 92 6.86 0.98 7.61
N LEU A 93 7.31 0.88 8.86
CA LEU A 93 6.43 0.78 9.99
C LEU A 93 6.19 2.18 10.47
N LEU A 94 4.92 2.53 10.68
CA LEU A 94 4.55 3.83 11.17
C LEU A 94 3.92 3.58 12.53
N GLN A 95 4.41 4.27 13.55
CA GLN A 95 3.76 4.21 14.85
C GLN A 95 2.91 5.44 15.02
N LEU A 96 1.63 5.24 15.33
CA LEU A 96 0.75 6.38 15.51
C LEU A 96 1.11 7.05 16.83
N SER A 97 0.85 8.35 16.89
CA SER A 97 1.14 9.11 18.09
C SER A 97 0.51 8.51 19.33
N ARG A 98 -0.73 8.06 19.17
CA ARG A 98 -1.46 7.34 20.18
C ARG A 98 -2.18 6.17 19.55
N PRO A 99 -2.51 5.15 20.34
CA PRO A 99 -3.25 4.01 19.84
C PRO A 99 -4.67 4.39 19.47
N ILE A 100 -5.17 3.86 18.37
CA ILE A 100 -6.57 4.07 18.04
C ILE A 100 -7.39 2.90 18.62
N THR A 101 -8.70 3.06 18.60
CA THR A 101 -9.61 2.02 19.03
C THR A 101 -10.21 1.39 17.78
N PHE A 102 -10.17 0.08 17.72
CA PHE A 102 -10.80 -0.59 16.61
C PHE A 102 -12.29 -0.32 16.60
N SER A 103 -12.84 -0.32 15.40
CA SER A 103 -14.25 -0.12 15.22
C SER A 103 -14.73 -0.89 14.01
N ARG A 104 -16.01 -0.70 13.69
CA ARG A 104 -16.58 -1.26 12.49
C ARG A 104 -15.87 -0.79 11.22
N TYR A 105 -15.28 0.40 11.29
CA TYR A 105 -14.61 1.01 10.14
C TYR A 105 -13.12 1.04 10.25
N ILE A 106 -12.57 0.63 11.40
CA ILE A 106 -11.13 0.69 11.64
C ILE A 106 -10.67 -0.64 12.21
N ARG A 107 -10.05 -1.47 11.38
CA ARG A 107 -9.68 -2.81 11.85
C ARG A 107 -8.38 -3.17 11.17
N PRO A 108 -7.55 -3.96 11.84
CA PRO A 108 -6.25 -4.31 11.27
C PRO A 108 -6.34 -5.47 10.27
N ILE A 109 -5.41 -5.50 9.33
CA ILE A 109 -5.24 -6.64 8.47
C ILE A 109 -4.12 -7.52 8.96
N SER A 110 -4.34 -8.80 8.80
CA SER A 110 -3.41 -9.80 9.23
C SER A 110 -2.20 -9.79 8.37
N LEU A 111 -1.06 -9.95 9.03
CA LEU A 111 0.22 -10.06 8.35
C LEU A 111 0.52 -11.52 8.02
N PRO A 112 1.08 -11.79 6.85
CA PRO A 112 1.54 -13.14 6.54
C PRO A 112 2.82 -13.51 7.30
N ALA A 113 3.02 -14.81 7.52
CA ALA A 113 4.27 -15.29 8.07
C ALA A 113 5.34 -15.13 6.99
N ALA A 114 6.60 -15.26 7.37
CA ALA A 114 7.72 -15.17 6.40
C ALA A 114 7.59 -16.10 5.21
N GLN A 115 7.07 -17.31 5.43
CA GLN A 115 6.96 -18.27 4.30
C GLN A 115 5.54 -18.47 3.78
N ALA A 116 4.72 -17.44 3.96
CA ALA A 116 3.41 -17.40 3.36
C ALA A 116 3.67 -17.28 1.88
N SER A 117 3.05 -18.16 1.11
CA SER A 117 3.09 -18.05 -0.32
C SER A 117 1.69 -17.75 -0.79
N PHE A 118 1.63 -16.85 -1.76
CA PHE A 118 0.40 -16.49 -2.36
C PHE A 118 0.69 -16.82 -3.81
N PRO A 119 -0.06 -17.78 -4.37
CA PRO A 119 0.34 -18.33 -5.63
C PRO A 119 -0.05 -17.45 -6.79
N ASN A 120 0.69 -17.61 -7.87
CA ASN A 120 0.39 -16.93 -9.10
C ASN A 120 -1.09 -17.09 -9.43
N GLY A 121 -1.69 -16.01 -9.92
CA GLY A 121 -3.06 -16.10 -10.31
C GLY A 121 -4.05 -15.83 -9.22
N LEU A 122 -3.62 -15.76 -7.96
CA LEU A 122 -4.56 -15.51 -6.87
C LEU A 122 -5.19 -14.13 -7.06
N HIS A 123 -6.49 -14.07 -6.90
CA HIS A 123 -7.23 -12.82 -7.03
C HIS A 123 -7.26 -12.04 -5.74
N CYS A 124 -6.35 -11.06 -5.70
CA CYS A 124 -6.24 -10.18 -4.58
C CYS A 124 -6.81 -8.84 -4.97
N THR A 125 -6.92 -7.95 -4.03
CA THR A 125 -7.57 -6.66 -4.26
C THR A 125 -6.61 -5.57 -3.82
N VAL A 126 -6.42 -4.56 -4.65
CA VAL A 126 -5.62 -3.41 -4.25
C VAL A 126 -6.62 -2.28 -4.12
N THR A 127 -6.40 -1.41 -3.14
CA THR A 127 -7.30 -0.34 -2.86
C THR A 127 -6.54 0.95 -2.69
N GLY A 128 -7.25 2.06 -2.88
CA GLY A 128 -6.69 3.37 -2.63
C GLY A 128 -7.43 4.53 -3.20
N TRP A 129 -6.93 5.72 -2.87
CA TRP A 129 -7.50 6.96 -3.34
C TRP A 129 -6.58 7.67 -4.32
N GLY A 130 -5.69 6.91 -4.95
CA GLY A 130 -4.74 7.47 -5.90
C GLY A 130 -5.41 7.69 -7.23
N HIS A 131 -4.60 8.10 -8.19
CA HIS A 131 -5.12 8.52 -9.49
C HIS A 131 -5.91 7.42 -10.17
N VAL A 132 -6.94 7.87 -10.87
CA VAL A 132 -7.84 6.99 -11.63
C VAL A 132 -7.42 6.85 -13.09
N ALA A 133 -6.39 7.60 -13.50
CA ALA A 133 -5.82 7.58 -14.84
C ALA A 133 -4.53 8.39 -14.77
N PRO A 134 -3.65 8.25 -15.77
CA PRO A 134 -2.41 9.03 -15.69
C PRO A 134 -2.63 10.52 -15.42
N SER A 135 -2.07 11.01 -14.32
CA SER A 135 -2.21 12.39 -13.89
C SER A 135 -3.65 12.86 -13.69
N VAL A 136 -4.61 11.94 -13.52
CA VAL A 136 -5.99 12.32 -13.22
C VAL A 136 -6.34 11.85 -11.80
N SER A 137 -6.55 12.82 -10.92
CA SER A 137 -6.92 12.54 -9.55
C SER A 137 -8.34 11.96 -9.42
N LEU A 138 -8.54 11.09 -8.43
CA LEU A 138 -9.84 10.63 -8.03
C LEU A 138 -10.69 11.86 -7.75
N LEU A 139 -11.87 11.91 -8.34
CA LEU A 139 -12.80 13.03 -8.12
C LEU A 139 -13.42 13.03 -6.71
N THR A 140 -13.53 14.23 -6.12
CA THR A 140 -14.32 14.42 -4.92
C THR A 140 -15.69 13.74 -5.11
N PRO A 141 -16.24 13.14 -4.05
CA PRO A 141 -15.75 13.15 -2.70
C PRO A 141 -14.74 12.06 -2.38
N LYS A 142 -14.11 11.46 -3.40
CA LYS A 142 -12.98 10.53 -3.21
C LYS A 142 -13.38 9.25 -2.43
N PRO A 143 -14.35 8.51 -2.99
CA PRO A 143 -14.64 7.19 -2.45
C PRO A 143 -13.50 6.23 -2.72
N LEU A 144 -13.16 5.43 -1.72
CA LEU A 144 -12.08 4.49 -1.86
C LEU A 144 -12.33 3.58 -3.05
N GLN A 145 -11.32 3.44 -3.90
CA GLN A 145 -11.38 2.55 -5.07
C GLN A 145 -10.78 1.18 -4.75
N GLN A 146 -11.31 0.17 -5.42
CA GLN A 146 -10.84 -1.19 -5.29
C GLN A 146 -10.70 -1.79 -6.67
N LEU A 147 -9.76 -2.72 -6.78
CA LEU A 147 -9.50 -3.40 -8.03
C LEU A 147 -9.01 -4.79 -7.71
N GLU A 148 -9.72 -5.77 -8.24
CA GLU A 148 -9.29 -7.14 -8.17
C GLU A 148 -8.20 -7.35 -9.21
N VAL A 149 -7.10 -7.93 -8.76
CA VAL A 149 -5.92 -8.14 -9.59
C VAL A 149 -5.36 -9.52 -9.29
N PRO A 150 -5.06 -10.31 -10.32
CA PRO A 150 -4.40 -11.56 -10.06
C PRO A 150 -2.89 -11.39 -9.86
N LEU A 151 -2.30 -12.20 -9.00
CA LEU A 151 -0.88 -12.11 -8.73
C LEU A 151 -0.10 -12.60 -9.95
N ILE A 152 0.97 -11.88 -10.26
CA ILE A 152 1.86 -12.17 -11.36
C ILE A 152 3.26 -12.28 -10.80
N SER A 153 3.93 -13.38 -11.10
CA SER A 153 5.27 -13.63 -10.61
C SER A 153 6.25 -12.54 -11.04
N ARG A 154 7.24 -12.34 -10.18
CA ARG A 154 8.26 -11.36 -10.48
C ARG A 154 8.96 -11.70 -11.81
N GLU A 155 9.08 -12.99 -12.12
CA GLU A 155 9.74 -13.42 -13.35
C GLU A 155 8.94 -13.02 -14.58
N THR A 156 7.64 -13.34 -14.57
CA THR A 156 6.80 -12.90 -15.65
C THR A 156 6.81 -11.40 -15.72
N CYS A 157 6.73 -10.77 -14.55
CA CYS A 157 6.60 -9.32 -14.46
C CYS A 157 7.83 -8.68 -15.09
N ASN A 158 9.00 -9.23 -14.82
CA ASN A 158 10.21 -8.64 -15.36
C ASN A 158 10.20 -8.74 -16.87
N SER A 159 9.70 -9.83 -17.41
CA SER A 159 9.72 -9.97 -18.84
C SER A 159 8.72 -9.03 -19.50
N LEU A 160 7.61 -8.79 -18.83
CA LEU A 160 6.64 -7.84 -19.35
C LEU A 160 7.22 -6.44 -19.39
N TYR A 161 7.87 -6.06 -18.29
CA TYR A 161 8.48 -4.75 -18.17
C TYR A 161 9.54 -4.49 -19.24
N ASN A 162 10.14 -5.57 -19.74
CA ASN A 162 11.11 -5.46 -20.83
C ASN A 162 10.48 -5.15 -22.18
N ILE A 163 9.19 -5.38 -22.35
CA ILE A 163 8.56 -5.18 -23.66
C ILE A 163 8.46 -3.68 -23.92
N ASP A 164 9.04 -3.21 -25.03
CA ASP A 164 9.05 -1.77 -25.37
C ASP A 164 9.64 -0.91 -24.29
N ALA A 165 10.61 -1.44 -23.57
CA ALA A 165 11.24 -0.71 -22.47
C ALA A 165 12.13 0.37 -23.06
N LYS A 166 12.30 1.44 -22.29
CA LYS A 166 13.27 2.47 -22.60
C LYS A 166 14.49 2.02 -21.84
N PRO A 167 15.64 1.90 -22.51
CA PRO A 167 16.78 1.27 -21.87
C PRO A 167 17.23 2.17 -20.73
N GLU A 168 16.96 3.47 -20.85
CA GLU A 168 17.24 4.45 -19.82
C GLU A 168 16.30 4.38 -18.63
N GLU A 169 15.05 3.95 -18.83
CA GLU A 169 14.05 3.80 -17.75
C GLU A 169 13.92 2.34 -17.33
N PRO A 170 14.89 1.82 -16.54
CA PRO A 170 14.84 0.43 -16.16
C PRO A 170 13.81 0.15 -15.07
N HIS A 171 13.37 -1.09 -15.01
CA HIS A 171 12.39 -1.56 -14.04
C HIS A 171 12.76 -2.99 -13.68
N PHE A 172 13.24 -3.20 -12.48
CA PHE A 172 13.60 -4.55 -12.09
C PHE A 172 12.79 -4.91 -10.86
N VAL A 173 12.04 -5.99 -10.97
CA VAL A 173 11.28 -6.58 -9.86
C VAL A 173 12.15 -7.54 -9.07
N GLN A 174 12.50 -7.14 -7.84
CA GLN A 174 13.44 -7.85 -6.98
C GLN A 174 12.75 -8.98 -6.23
N GLU A 175 13.54 -9.78 -5.52
CA GLU A 175 13.04 -10.93 -4.80
C GLU A 175 12.04 -10.57 -3.69
N ASP A 176 12.09 -9.35 -3.16
CA ASP A 176 11.09 -8.95 -2.14
C ASP A 176 9.84 -8.31 -2.75
N MET A 177 9.61 -8.50 -4.04
CA MET A 177 8.56 -7.84 -4.75
C MET A 177 7.72 -8.87 -5.49
N VAL A 178 6.45 -8.51 -5.73
CA VAL A 178 5.54 -9.27 -6.58
C VAL A 178 4.75 -8.29 -7.43
N CYS A 179 4.21 -8.79 -8.56
CA CYS A 179 3.34 -7.99 -9.36
C CYS A 179 1.90 -8.47 -9.27
N ALA A 180 1.02 -7.66 -9.79
CA ALA A 180 -0.37 -8.04 -9.84
C ALA A 180 -1.01 -7.18 -10.88
N GLY A 181 -1.94 -7.74 -11.64
CA GLY A 181 -2.62 -6.96 -12.67
C GLY A 181 -2.81 -7.72 -13.97
N TYR A 182 -2.69 -6.99 -15.07
CA TYR A 182 -3.14 -7.45 -16.36
C TYR A 182 -2.18 -7.00 -17.44
N VAL A 183 -1.88 -7.94 -18.35
CA VAL A 183 -0.97 -7.67 -19.43
C VAL A 183 -1.50 -6.56 -20.38
N GLU A 184 -2.81 -6.49 -20.59
CA GLU A 184 -3.36 -5.47 -21.48
C GLU A 184 -3.57 -4.10 -20.80
N GLY A 185 -3.30 -3.99 -19.52
CA GLY A 185 -3.39 -2.69 -18.85
C GLY A 185 -4.83 -2.21 -18.61
N GLY A 186 -4.96 -0.91 -18.32
CA GLY A 186 -6.22 -0.25 -17.98
C GLY A 186 -6.75 -0.52 -16.58
N LYS A 187 -6.11 -1.42 -15.86
CA LYS A 187 -6.55 -1.83 -14.55
C LYS A 187 -5.34 -1.95 -13.65
N ASP A 188 -5.12 -0.97 -12.80
CA ASP A 188 -3.94 -1.02 -11.94
C ASP A 188 -4.05 -0.02 -10.80
N ALA A 189 -3.10 -0.11 -9.89
CA ALA A 189 -2.84 0.95 -8.95
C ALA A 189 -2.06 2.07 -9.59
N CYS A 190 -2.24 3.27 -9.06
CA CYS A 190 -1.61 4.45 -9.64
CA CYS A 190 -1.73 4.51 -9.66
C CYS A 190 -1.17 5.41 -8.55
N GLN A 191 -0.66 6.57 -8.95
CA GLN A 191 -0.03 7.50 -8.03
C GLN A 191 -0.98 7.94 -6.93
N GLY A 192 -0.51 7.79 -5.71
CA GLY A 192 -1.31 8.03 -4.50
C GLY A 192 -1.86 6.73 -3.90
N ASP A 193 -1.69 5.63 -4.60
CA ASP A 193 -1.99 4.32 -4.07
C ASP A 193 -0.82 3.72 -3.32
N SER A 194 0.41 4.17 -3.65
CA SER A 194 1.61 3.82 -2.93
C SER A 194 1.38 3.65 -1.46
N GLY A 195 1.93 2.58 -0.92
CA GLY A 195 1.89 2.36 0.48
C GLY A 195 0.68 1.56 0.92
N GLY A 196 -0.35 1.48 0.10
CA GLY A 196 -1.57 0.79 0.51
C GLY A 196 -1.53 -0.71 0.31
N PRO A 197 -2.64 -1.38 0.68
CA PRO A 197 -2.73 -2.83 0.67
C PRO A 197 -3.01 -3.47 -0.66
N LEU A 198 -2.28 -4.55 -0.87
CA LEU A 198 -2.71 -5.66 -1.72
C LEU A 198 -3.17 -6.76 -0.77
N SER A 199 -4.50 -6.94 -0.71
CA SER A 199 -5.13 -7.79 0.26
C SER A 199 -5.53 -9.04 -0.46
N CYS A 200 -5.08 -10.17 0.05
CA CYS A 200 -5.34 -11.44 -0.62
C CYS A 200 -6.19 -12.36 0.26
N PRO A 201 -7.13 -13.10 -0.36
CA PRO A 201 -8.00 -14.02 0.37
C PRO A 201 -7.33 -15.36 0.63
N VAL A 202 -7.33 -15.82 1.86
CA VAL A 202 -6.67 -17.08 2.21
C VAL A 202 -7.47 -17.69 3.32
N GLU A 203 -8.02 -18.86 3.07
CA GLU A 203 -8.76 -19.62 4.08
C GLU A 203 -9.85 -18.81 4.74
N GLY A 204 -10.58 -18.01 3.97
CA GLY A 204 -11.67 -17.23 4.49
C GLY A 204 -11.29 -15.90 5.12
N LEU A 205 -9.99 -15.65 5.27
CA LEU A 205 -9.48 -14.42 5.80
C LEU A 205 -8.83 -13.57 4.72
N TRP A 206 -8.28 -12.44 5.14
CA TRP A 206 -7.58 -11.51 4.25
C TRP A 206 -6.20 -11.27 4.86
N TYR A 207 -5.16 -11.29 4.04
CA TYR A 207 -3.79 -11.02 4.48
C TYR A 207 -3.21 -9.92 3.64
N LEU A 208 -2.32 -9.15 4.25
CA LEU A 208 -1.59 -8.12 3.59
C LEU A 208 -0.42 -8.80 2.84
N THR A 209 -0.66 -9.14 1.59
CA THR A 209 0.33 -9.79 0.79
C THR A 209 1.34 -8.76 0.29
N GLY A 210 0.84 -7.59 -0.08
CA GLY A 210 1.73 -6.63 -0.76
C GLY A 210 1.41 -5.23 -0.34
N ILE A 211 2.44 -4.39 -0.54
CA ILE A 211 2.34 -2.98 -0.30
C ILE A 211 2.60 -2.26 -1.62
N VAL A 212 1.66 -1.43 -2.03
CA VAL A 212 1.76 -0.83 -3.35
C VAL A 212 3.07 -0.07 -3.43
N SER A 213 3.84 -0.34 -4.46
CA SER A 213 5.19 0.26 -4.58
C SER A 213 5.40 1.12 -5.81
N TRP A 214 5.42 0.50 -6.97
CA TRP A 214 5.76 1.23 -8.19
C TRP A 214 5.25 0.51 -9.43
N GLY A 215 5.39 1.17 -10.56
CA GLY A 215 5.06 0.56 -11.84
C GLY A 215 5.60 1.47 -12.90
N ASP A 216 4.84 1.61 -13.97
CA ASP A 216 5.19 2.52 -15.03
C ASP A 216 4.03 3.47 -15.09
N ALA A 217 3.61 3.89 -16.29
CA ALA A 217 2.46 4.78 -16.40
C ALA A 217 1.18 4.08 -15.95
N CYS A 218 0.33 4.81 -15.26
CA CYS A 218 -0.97 4.31 -14.78
C CYS A 218 -1.73 3.53 -15.82
N GLY A 219 -1.83 2.24 -15.65
CA GLY A 219 -2.67 1.42 -16.51
C GLY A 219 -2.04 1.04 -17.84
N ALA A 220 -0.74 1.26 -17.95
CA ALA A 220 0.02 0.92 -19.14
C ALA A 220 -0.01 -0.59 -19.35
N ARG A 221 -0.14 -1.03 -20.61
CA ARG A 221 -0.04 -2.45 -20.94
C ARG A 221 1.36 -2.91 -20.64
N ASN A 222 1.47 -4.19 -20.35
CA ASN A 222 2.79 -4.78 -20.04
C ASN A 222 3.48 -4.17 -18.86
N ARG A 223 2.71 -3.57 -17.94
CA ARG A 223 3.32 -2.89 -16.81
C ARG A 223 2.44 -3.07 -15.57
N PRO A 224 2.24 -4.31 -15.12
CA PRO A 224 1.42 -4.55 -13.95
C PRO A 224 2.09 -3.98 -12.70
N GLY A 225 1.27 -3.57 -11.75
CA GLY A 225 1.79 -2.95 -10.55
C GLY A 225 2.74 -3.83 -9.80
N VAL A 226 3.76 -3.19 -9.20
CA VAL A 226 4.75 -3.84 -8.37
C VAL A 226 4.50 -3.52 -6.88
N TYR A 227 4.64 -4.54 -6.04
CA TYR A 227 4.31 -4.45 -4.65
C TYR A 227 5.47 -5.04 -3.86
N THR A 228 5.77 -4.46 -2.71
CA THR A 228 6.64 -5.10 -1.75
C THR A 228 5.93 -6.23 -1.04
N LEU A 229 6.55 -7.38 -1.00
CA LEU A 229 5.93 -8.50 -0.29
C LEU A 229 6.00 -8.30 1.21
N ALA A 230 4.87 -8.23 1.90
CA ALA A 230 4.91 -8.18 3.38
C ALA A 230 5.61 -9.37 4.03
N SER A 231 5.43 -10.58 3.46
CA SER A 231 6.13 -11.78 3.96
C SER A 231 7.64 -11.61 4.06
N SER A 232 8.23 -10.85 3.14
CA SER A 232 9.68 -10.64 3.19
C SER A 232 10.12 -9.87 4.43
N TYR A 233 9.18 -9.16 5.06
CA TYR A 233 9.47 -8.32 6.22
C TYR A 233 8.76 -8.76 7.49
N ALA A 234 8.12 -9.94 7.47
CA ALA A 234 7.32 -10.40 8.61
C ALA A 234 8.22 -10.52 9.85
N SER A 235 9.41 -11.06 9.67
CA SER A 235 10.34 -11.23 10.81
C SER A 235 10.78 -9.89 11.38
N TRP A 236 11.16 -8.98 10.50
CA TRP A 236 11.55 -7.65 10.90
C TRP A 236 10.40 -6.92 11.60
N ILE A 237 9.21 -7.01 11.05
CA ILE A 237 8.08 -6.30 11.70
C ILE A 237 7.88 -6.86 13.10
N GLN A 238 7.80 -8.18 13.22
CA GLN A 238 7.59 -8.76 14.54
C GLN A 238 8.69 -8.35 15.53
N SER A 239 9.92 -8.39 15.07
CA SER A 239 11.03 -8.00 15.93
C SER A 239 10.93 -6.53 16.35
N LYS A 240 10.78 -5.63 15.38
CA LYS A 240 10.66 -4.18 15.66
C LYS A 240 9.51 -3.87 16.60
N VAL A 241 8.32 -4.40 16.33
CA VAL A 241 7.14 -4.07 17.14
C VAL A 241 7.23 -4.67 18.54
N THR A 242 7.79 -5.86 18.61
CA THR A 242 7.92 -6.52 19.91
C THR A 242 8.85 -5.81 20.85
N GLU A 243 9.96 -5.31 20.30
CA GLU A 243 10.93 -4.57 21.09
C GLU A 243 10.42 -3.20 21.45
N LEU A 244 9.81 -2.54 20.48
CA LEU A 244 9.40 -1.15 20.67
C LEU A 244 8.10 -1.01 21.45
N GLN A 245 7.20 -1.96 21.30
CA GLN A 245 5.87 -1.84 21.92
C GLN A 245 5.35 -3.22 22.26
N PRO A 246 5.99 -3.89 23.25
CA PRO A 246 5.54 -5.21 23.70
C PRO A 246 4.10 -5.22 24.20
N ARG A 247 3.36 -6.27 23.85
CA ARG A 247 2.04 -6.52 24.41
C ARG A 247 2.25 -7.30 25.70
#